data_6EU5
#
_entry.id   6EU5
#
_cell.length_a   48.770
_cell.length_b   90.590
_cell.length_c   53.420
_cell.angle_alpha   90.000
_cell.angle_beta   114.141
_cell.angle_gamma   90.000
#
_symmetry.space_group_name_H-M   'P 1 21 1'
#
loop_
_entity.id
_entity.type
_entity.pdbx_description
1 polymer 'Glycylpeptide N-tetradecanoyltransferase'
2 non-polymer TETRADECANOYL-COA
3 non-polymer 4-[3-[(8~{a}~{R})-3,4,6,7,8,8~{a}-hexahydro-1~{H}-pyrrolo[1,2-a]pyrazin-2-yl]propyl]-2,6-bis(chloranyl)-~{N}-methyl-~{N}-(1,3,5-trimethylpyrazol-4-yl)benzenesulfonamide
4 water water
#
_entity_poly.entity_id   1
_entity_poly.type   'polypeptide(L)'
_entity_poly.pdbx_seq_one_letter_code
;MGSSHHHHHHSSGRENLYFQGPSNSDAAHAFWSTQPVPQTEDETEKIVFAGPMDEPKTVADIPEEPYPIASTFEWWTPNM
EAADDIHAIYELLRDNYVEDDDSMFRFNYSEEFLQWALCPPNYIPDWHVAVRRKADKKLLAFIAGVPVTLRMGTPKYMKV
KAQEKGEGEEAAKYDEPRHICEINFLCVHKQLREKRLAPILIKEATRRVNRTNVWQAVYTAGVLLPTPYASGQYFHRSLN
PEKLVEIRFSGIPAQYQKFQNPMAMLKRNYQLPSAPKNSGLREMKPSDVPQVRRILMNYLDSFDVGPVFSDAEISHYLLP
RDGVVFTYVVENDKKVTDFFSFYRIPSTVIGNSNYNLLNAAYVHYYAATSIPLHQLILDLLIVAHSRGFDVCNMVEILDN
RSFVEQLKFGAGDGHLRYYFYNWAYPKIKPSQVALVML
;
_entity_poly.pdbx_strand_id   A
#
loop_
_chem_comp.id
_chem_comp.type
_chem_comp.name
_chem_comp.formula
BXN non-polymer 4-[3-[(8~{a}~{R})-3,4,6,7,8,8~{a}-hexahydro-1~{H}-pyrrolo[1,2-a]pyrazin-2-yl]propyl]-2,6-bis(chloranyl)-~{N}-methyl-~{N}-(1,3,5-trimethylpyrazol-4-yl)benzenesulfonamide 'C23 H33 Cl2 N5 O2 S'
MYA non-polymer TETRADECANOYL-COA 'C35 H62 N7 O17 P3 S'
#
# COMPACT_ATOMS: atom_id res chain seq x y z
N ALA A 28 -17.10 21.78 -7.14
CA ALA A 28 -15.88 21.37 -7.84
C ALA A 28 -15.78 19.85 -7.92
N HIS A 29 -16.41 19.17 -6.97
CA HIS A 29 -16.42 17.70 -6.91
C HIS A 29 -17.87 17.24 -6.86
N ALA A 30 -18.45 16.98 -8.04
CA ALA A 30 -19.86 16.58 -8.10
C ALA A 30 -20.13 15.27 -7.34
N PHE A 31 -19.13 14.39 -7.25
CA PHE A 31 -19.31 13.19 -6.44
C PHE A 31 -18.81 13.35 -5.02
N TRP A 32 -17.56 13.76 -4.86
CA TRP A 32 -16.96 13.75 -3.52
C TRP A 32 -17.61 14.75 -2.57
N SER A 33 -18.21 15.81 -3.11
CA SER A 33 -18.97 16.74 -2.28
C SER A 33 -20.18 16.10 -1.61
N THR A 34 -20.64 14.94 -2.08
CA THR A 34 -21.78 14.24 -1.49
C THR A 34 -21.37 13.16 -0.51
N GLN A 35 -20.07 12.99 -0.27
CA GLN A 35 -19.56 11.86 0.51
C GLN A 35 -19.12 12.30 1.88
N PRO A 36 -19.13 11.38 2.86
CA PRO A 36 -18.72 11.70 4.24
C PRO A 36 -17.21 11.69 4.38
N VAL A 37 -16.57 12.69 3.76
CA VAL A 37 -15.14 12.95 3.90
C VAL A 37 -14.98 14.44 4.16
N PRO A 38 -13.93 14.88 4.85
CA PRO A 38 -13.68 16.31 4.96
C PRO A 38 -13.45 16.89 3.58
N GLN A 39 -13.97 18.09 3.36
CA GLN A 39 -14.06 18.61 2.00
C GLN A 39 -12.89 19.49 1.60
N THR A 40 -12.17 20.05 2.56
CA THR A 40 -11.02 20.91 2.28
C THR A 40 -9.94 20.67 3.32
N GLU A 41 -8.72 21.11 2.98
CA GLU A 41 -7.63 21.07 3.94
C GLU A 41 -7.94 21.95 5.15
N ASP A 42 -8.62 23.07 4.94
CA ASP A 42 -8.98 23.93 6.07
C ASP A 42 -9.89 23.19 7.04
N GLU A 43 -10.81 22.37 6.52
CA GLU A 43 -11.66 21.57 7.40
C GLU A 43 -10.84 20.55 8.17
N THR A 44 -9.99 19.79 7.47
CA THR A 44 -9.15 18.80 8.13
C THR A 44 -8.22 19.43 9.16
N GLU A 45 -7.76 20.66 8.89
CA GLU A 45 -6.92 21.39 9.83
C GLU A 45 -7.62 21.65 11.16
N LYS A 46 -8.95 21.70 11.16
CA LYS A 46 -9.69 21.98 12.38
C LYS A 46 -10.11 20.73 13.15
N ILE A 47 -9.90 19.53 12.60
CA ILE A 47 -10.35 18.31 13.27
C ILE A 47 -9.46 18.03 14.47
N VAL A 48 -10.08 17.68 15.60
CA VAL A 48 -9.35 17.50 16.84
C VAL A 48 -9.48 16.08 17.39
N PHE A 49 -10.59 15.40 17.09
CA PHE A 49 -10.83 14.05 17.61
C PHE A 49 -11.14 13.09 16.46
N ALA A 50 -10.75 11.84 16.63
CA ALA A 50 -11.18 10.80 15.69
C ALA A 50 -12.64 10.46 15.92
N GLY A 51 -13.35 10.16 14.82
CA GLY A 51 -14.73 9.74 14.93
C GLY A 51 -15.45 9.77 13.60
N PRO A 52 -16.65 9.20 13.55
CA PRO A 52 -17.37 9.12 12.28
C PRO A 52 -17.88 10.48 11.82
N MET A 53 -18.18 10.56 10.53
CA MET A 53 -18.72 11.79 9.95
C MET A 53 -20.19 11.69 9.60
N ASP A 54 -20.64 10.53 9.16
CA ASP A 54 -22.02 10.34 8.68
C ASP A 54 -22.98 10.11 9.84
N GLU A 55 -24.27 10.29 9.56
CA GLU A 55 -25.31 9.87 10.48
C GLU A 55 -25.15 8.38 10.80
N PRO A 56 -25.45 7.96 12.02
CA PRO A 56 -25.45 6.53 12.34
C PRO A 56 -26.50 5.81 11.52
N LYS A 57 -26.13 4.64 11.01
CA LYS A 57 -26.99 3.82 10.18
C LYS A 57 -26.84 2.38 10.63
N THR A 58 -27.81 1.56 10.26
CA THR A 58 -27.73 0.13 10.48
C THR A 58 -27.79 -0.58 9.14
N VAL A 59 -27.43 -1.87 9.16
CA VAL A 59 -27.47 -2.67 7.95
C VAL A 59 -28.85 -2.61 7.31
N ALA A 60 -29.90 -2.65 8.13
CA ALA A 60 -31.26 -2.65 7.60
C ALA A 60 -31.60 -1.37 6.86
N ASP A 61 -30.89 -0.27 7.11
CA ASP A 61 -31.14 0.96 6.38
C ASP A 61 -30.52 0.97 4.97
N ILE A 62 -29.68 0.00 4.65
CA ILE A 62 -28.87 0.02 3.44
C ILE A 62 -29.59 -0.77 2.36
N PRO A 63 -29.70 -0.25 1.14
CA PRO A 63 -30.42 -0.97 0.08
C PRO A 63 -29.92 -2.40 -0.07
N GLU A 64 -30.88 -3.32 -0.13
CA GLU A 64 -30.58 -4.74 -0.39
C GLU A 64 -30.12 -4.95 -1.82
N GLU A 65 -30.57 -4.09 -2.78
CA GLU A 65 -30.32 -4.34 -4.18
C GLU A 65 -29.10 -3.57 -4.66
N PRO A 66 -28.33 -4.14 -5.60
CA PRO A 66 -27.20 -3.41 -6.18
C PRO A 66 -27.61 -2.05 -6.74
N TYR A 67 -26.63 -1.16 -6.74
CA TYR A 67 -26.86 0.17 -7.27
C TYR A 67 -27.23 0.09 -8.75
N PRO A 68 -28.19 0.89 -9.21
CA PRO A 68 -28.57 0.86 -10.63
C PRO A 68 -27.38 1.13 -11.54
N ILE A 69 -27.33 0.39 -12.64
CA ILE A 69 -26.32 0.56 -13.68
C ILE A 69 -27.02 0.39 -15.03
N ALA A 70 -26.45 0.99 -16.06
CA ALA A 70 -27.08 0.99 -17.39
C ALA A 70 -27.30 -0.43 -17.89
N SER A 71 -28.31 -0.60 -18.74
CA SER A 71 -28.77 -1.93 -19.08
C SER A 71 -27.74 -2.75 -19.86
N THR A 72 -26.77 -2.10 -20.50
CA THR A 72 -25.75 -2.83 -21.25
C THR A 72 -24.66 -3.36 -20.35
N PHE A 73 -24.68 -3.04 -19.05
CA PHE A 73 -23.67 -3.43 -18.09
C PHE A 73 -24.29 -4.34 -17.03
N GLU A 74 -23.44 -5.11 -16.36
CA GLU A 74 -23.88 -5.92 -15.22
C GLU A 74 -22.79 -5.93 -14.16
N TRP A 75 -23.22 -6.04 -12.92
CA TRP A 75 -22.30 -6.26 -11.80
C TRP A 75 -21.85 -7.71 -11.81
N TRP A 76 -20.59 -7.92 -11.45
CA TRP A 76 -20.00 -9.25 -11.39
C TRP A 76 -19.12 -9.32 -10.15
N THR A 77 -19.28 -10.39 -9.35
CA THR A 77 -18.39 -10.64 -8.22
C THR A 77 -17.41 -11.72 -8.65
N PRO A 78 -16.16 -11.38 -8.97
CA PRO A 78 -15.21 -12.44 -9.38
C PRO A 78 -14.85 -13.32 -8.19
N ASN A 79 -14.48 -14.56 -8.51
CA ASN A 79 -13.93 -15.48 -7.53
C ASN A 79 -12.42 -15.35 -7.59
N MET A 80 -11.85 -14.60 -6.65
CA MET A 80 -10.42 -14.30 -6.68
C MET A 80 -9.55 -15.44 -6.19
N GLU A 81 -10.13 -16.62 -6.00
CA GLU A 81 -9.38 -17.85 -5.86
C GLU A 81 -9.55 -18.76 -7.06
N ALA A 82 -10.27 -18.30 -8.09
CA ALA A 82 -10.42 -19.03 -9.35
C ALA A 82 -9.46 -18.43 -10.36
N ALA A 83 -8.60 -19.28 -10.93
CA ALA A 83 -7.49 -18.80 -11.75
C ALA A 83 -7.96 -17.95 -12.91
N ASP A 84 -9.08 -18.30 -13.56
CA ASP A 84 -9.47 -17.50 -14.71
C ASP A 84 -10.10 -16.18 -14.30
N ASP A 85 -10.79 -16.13 -13.17
CA ASP A 85 -11.30 -14.84 -12.70
C ASP A 85 -10.15 -13.91 -12.35
N ILE A 86 -9.13 -14.43 -11.66
CA ILE A 86 -7.94 -13.64 -11.38
C ILE A 86 -7.30 -13.15 -12.67
N HIS A 87 -7.21 -14.03 -13.68
CA HIS A 87 -6.57 -13.63 -14.94
C HIS A 87 -7.34 -12.49 -15.60
N ALA A 88 -8.68 -12.52 -15.53
CA ALA A 88 -9.47 -11.44 -16.12
C ALA A 88 -9.15 -10.10 -15.47
N ILE A 89 -9.13 -10.07 -14.14
CA ILE A 89 -8.79 -8.85 -13.43
C ILE A 89 -7.35 -8.45 -13.71
N TYR A 90 -6.45 -9.44 -13.73
CA TYR A 90 -5.05 -9.19 -14.07
C TYR A 90 -4.93 -8.44 -15.40
N GLU A 91 -5.67 -8.87 -16.42
CA GLU A 91 -5.57 -8.23 -17.73
C GLU A 91 -6.10 -6.80 -17.68
N LEU A 92 -7.24 -6.59 -17.00
CA LEU A 92 -7.79 -5.25 -16.89
C LEU A 92 -6.78 -4.31 -16.25
N LEU A 93 -6.18 -4.72 -15.14
CA LEU A 93 -5.20 -3.86 -14.50
C LEU A 93 -3.94 -3.69 -15.36
N ARG A 94 -3.47 -4.77 -15.97
CA ARG A 94 -2.26 -4.68 -16.78
C ARG A 94 -2.41 -3.61 -17.84
N ASP A 95 -3.59 -3.53 -18.44
CA ASP A 95 -3.78 -2.63 -19.57
C ASP A 95 -4.35 -1.27 -19.16
N ASN A 96 -4.92 -1.14 -17.97
CA ASN A 96 -5.70 0.04 -17.64
C ASN A 96 -5.43 0.65 -16.27
N TYR A 97 -4.49 0.11 -15.47
CA TYR A 97 -4.33 0.59 -14.11
C TYR A 97 -3.35 1.78 -14.07
N VAL A 98 -2.75 2.04 -12.92
CA VAL A 98 -2.05 3.31 -12.67
C VAL A 98 -0.82 3.45 -13.58
N GLU A 99 -0.70 4.62 -14.21
CA GLU A 99 0.47 5.00 -15.00
C GLU A 99 1.17 6.17 -14.32
N ASP A 100 2.45 6.35 -14.65
CA ASP A 100 3.07 7.62 -14.26
C ASP A 100 2.48 8.75 -15.11
N ASP A 101 2.82 9.98 -14.73
CA ASP A 101 2.26 11.16 -15.41
C ASP A 101 2.74 11.31 -16.85
N ASP A 102 3.86 10.68 -17.22
CA ASP A 102 4.35 10.77 -18.59
C ASP A 102 4.04 9.52 -19.40
N SER A 103 3.20 8.63 -18.85
CA SER A 103 2.82 7.38 -19.51
C SER A 103 4.05 6.63 -20.04
N MET A 104 5.03 6.47 -19.16
CA MET A 104 6.21 5.64 -19.41
C MET A 104 6.11 4.29 -18.74
N PHE A 105 5.33 4.21 -17.66
CA PHE A 105 5.24 2.99 -16.85
C PHE A 105 3.79 2.78 -16.42
N ARG A 106 3.40 1.50 -16.33
CA ARG A 106 2.08 1.15 -15.81
C ARG A 106 2.24 -0.08 -14.93
N PHE A 107 1.63 -0.09 -13.75
CA PHE A 107 1.75 -1.24 -12.87
C PHE A 107 1.29 -2.50 -13.59
N ASN A 108 2.00 -3.61 -13.33
CA ASN A 108 1.69 -4.93 -13.87
C ASN A 108 1.67 -5.94 -12.72
N TYR A 109 0.80 -5.71 -11.73
CA TYR A 109 0.63 -6.64 -10.62
C TYR A 109 0.38 -8.04 -11.18
N SER A 110 1.04 -9.05 -10.59
CA SER A 110 0.93 -10.38 -11.15
C SER A 110 -0.34 -11.07 -10.65
N GLU A 111 -0.73 -12.16 -11.35
CA GLU A 111 -1.90 -12.92 -10.91
C GLU A 111 -1.70 -13.46 -9.49
N GLU A 112 -0.51 -13.96 -9.19
CA GLU A 112 -0.26 -14.48 -7.85
C GLU A 112 -0.29 -13.37 -6.80
N PHE A 113 0.21 -12.18 -7.16
CA PHE A 113 0.09 -11.06 -6.25
C PHE A 113 -1.36 -10.70 -5.98
N LEU A 114 -2.19 -10.65 -7.04
CA LEU A 114 -3.59 -10.29 -6.84
C LEU A 114 -4.30 -11.28 -5.93
N GLN A 115 -4.04 -12.57 -6.10
CA GLN A 115 -4.67 -13.54 -5.21
C GLN A 115 -4.24 -13.33 -3.77
N TRP A 116 -2.95 -13.04 -3.57
CA TRP A 116 -2.44 -12.77 -2.23
C TRP A 116 -3.08 -11.52 -1.63
N ALA A 117 -3.09 -10.43 -2.38
CA ALA A 117 -3.57 -9.16 -1.82
C ALA A 117 -5.08 -9.17 -1.59
N LEU A 118 -5.83 -9.90 -2.40
CA LEU A 118 -7.28 -9.80 -2.36
C LEU A 118 -7.94 -10.84 -1.46
N CYS A 119 -7.20 -11.86 -1.04
CA CYS A 119 -7.78 -12.99 -0.29
C CYS A 119 -7.07 -13.22 1.05
N PRO A 120 -6.91 -12.20 1.89
CA PRO A 120 -6.34 -12.42 3.22
C PRO A 120 -7.33 -13.16 4.10
N PRO A 121 -6.92 -13.56 5.30
CA PRO A 121 -7.83 -14.30 6.20
C PRO A 121 -9.15 -13.55 6.43
N ASN A 122 -10.24 -14.30 6.38
CA ASN A 122 -11.59 -13.76 6.61
C ASN A 122 -12.00 -12.70 5.58
N TYR A 123 -11.40 -12.73 4.39
CA TYR A 123 -11.82 -11.79 3.36
C TYR A 123 -13.27 -12.07 2.98
N ILE A 124 -13.93 -11.05 2.44
CA ILE A 124 -15.34 -11.12 2.09
C ILE A 124 -15.44 -11.11 0.57
N PRO A 125 -15.80 -12.22 -0.07
CA PRO A 125 -15.86 -12.22 -1.55
C PRO A 125 -16.70 -11.11 -2.14
N ASP A 126 -17.82 -10.74 -1.50
CA ASP A 126 -18.71 -9.73 -2.05
C ASP A 126 -18.06 -8.35 -2.12
N TRP A 127 -16.97 -8.13 -1.41
CA TRP A 127 -16.29 -6.84 -1.47
C TRP A 127 -15.42 -6.68 -2.71
N HIS A 128 -15.32 -7.68 -3.56
CA HIS A 128 -14.60 -7.57 -4.84
C HIS A 128 -15.66 -7.31 -5.90
N VAL A 129 -15.66 -6.09 -6.44
CA VAL A 129 -16.78 -5.58 -7.23
C VAL A 129 -16.28 -5.30 -8.65
N ALA A 130 -16.91 -5.91 -9.64
CA ALA A 130 -16.56 -5.68 -11.02
C ALA A 130 -17.80 -5.29 -11.82
N VAL A 131 -17.55 -4.65 -12.95
CA VAL A 131 -18.58 -4.34 -13.95
C VAL A 131 -18.16 -5.00 -15.25
N ARG A 132 -19.10 -5.73 -15.87
CA ARG A 132 -18.86 -6.38 -17.15
C ARG A 132 -19.90 -5.88 -18.15
N ARG A 133 -19.53 -5.87 -19.42
CA ARG A 133 -20.50 -5.64 -20.47
C ARG A 133 -21.39 -6.86 -20.57
N LYS A 134 -22.71 -6.65 -20.46
CA LYS A 134 -23.63 -7.79 -20.36
C LYS A 134 -23.56 -8.66 -21.62
N ALA A 135 -23.43 -8.05 -22.80
CA ALA A 135 -23.49 -8.80 -24.05
C ALA A 135 -22.40 -9.87 -24.13
N ASP A 136 -21.15 -9.48 -23.95
CA ASP A 136 -20.02 -10.39 -24.13
C ASP A 136 -19.23 -10.66 -22.86
N LYS A 137 -19.67 -10.12 -21.72
CA LYS A 137 -19.00 -10.30 -20.43
C LYS A 137 -17.59 -9.70 -20.40
N LYS A 138 -17.32 -8.72 -21.27
CA LYS A 138 -16.03 -8.03 -21.22
C LYS A 138 -15.90 -7.25 -19.92
N LEU A 139 -14.79 -7.44 -19.22
CA LEU A 139 -14.56 -6.76 -17.96
C LEU A 139 -14.20 -5.30 -18.21
N LEU A 140 -14.97 -4.40 -17.59
CA LEU A 140 -14.84 -2.96 -17.84
C LEU A 140 -14.33 -2.17 -16.64
N ALA A 141 -14.49 -2.66 -15.42
CA ALA A 141 -14.13 -1.88 -14.25
C ALA A 141 -14.06 -2.77 -13.03
N PHE A 142 -13.30 -2.33 -12.03
CA PHE A 142 -13.06 -3.15 -10.85
C PHE A 142 -12.78 -2.22 -9.66
N ILE A 143 -13.14 -2.68 -8.48
CA ILE A 143 -12.72 -2.10 -7.22
C ILE A 143 -12.71 -3.22 -6.20
N ALA A 144 -11.76 -3.20 -5.26
CA ALA A 144 -11.68 -4.27 -4.28
C ALA A 144 -11.62 -3.72 -2.87
N GLY A 145 -12.26 -4.41 -1.95
CA GLY A 145 -12.12 -4.15 -0.53
C GLY A 145 -11.66 -5.40 0.17
N VAL A 146 -10.79 -5.23 1.17
CA VAL A 146 -10.40 -6.33 2.06
C VAL A 146 -10.55 -5.88 3.50
N PRO A 147 -10.84 -6.79 4.42
CA PRO A 147 -10.92 -6.39 5.84
C PRO A 147 -9.53 -6.10 6.40
N VAL A 148 -9.48 -5.12 7.29
CA VAL A 148 -8.27 -4.81 8.07
C VAL A 148 -8.76 -4.35 9.43
N THR A 149 -8.00 -4.72 10.47
CA THR A 149 -8.22 -4.20 11.80
C THR A 149 -7.24 -3.06 12.01
N LEU A 150 -7.74 -1.86 12.23
CA LEU A 150 -6.89 -0.68 12.23
C LEU A 150 -7.06 0.10 13.53
N ARG A 151 -5.95 0.45 14.16
CA ARG A 151 -5.97 1.47 15.20
C ARG A 151 -6.09 2.82 14.51
N MET A 152 -7.17 3.53 14.82
CA MET A 152 -7.44 4.80 14.16
C MET A 152 -8.06 5.79 15.14
N GLY A 153 -7.72 5.66 16.43
CA GLY A 153 -8.16 6.63 17.41
C GLY A 153 -7.35 7.93 17.34
N THR A 154 -7.77 8.89 18.13
CA THR A 154 -7.17 10.21 18.13
C THR A 154 -5.66 10.13 18.30
N PRO A 155 -4.89 10.82 17.48
CA PRO A 155 -3.42 10.72 17.54
C PRO A 155 -2.86 11.33 18.81
N LYS A 156 -1.63 10.92 19.13
CA LYS A 156 -0.98 11.32 20.37
C LYS A 156 -0.98 12.83 20.59
N TYR A 157 -0.57 13.61 19.57
CA TYR A 157 -0.47 15.06 19.77
C TYR A 157 -1.82 15.68 20.08
N MET A 158 -2.89 15.13 19.51
CA MET A 158 -4.21 15.70 19.82
C MET A 158 -4.74 15.21 21.15
N LYS A 159 -4.33 14.03 21.61
CA LYS A 159 -4.69 13.60 22.95
C LYS A 159 -4.06 14.49 24.02
N VAL A 160 -2.87 15.03 23.76
CA VAL A 160 -2.25 15.97 24.69
C VAL A 160 -3.10 17.22 24.80
N LYS A 161 -3.52 17.77 23.66
CA LYS A 161 -4.38 18.95 23.70
C LYS A 161 -5.69 18.64 24.40
N ALA A 162 -6.28 17.48 24.10
CA ALA A 162 -7.55 17.11 24.72
C ALA A 162 -7.42 17.05 26.24
N GLN A 163 -6.33 16.47 26.72
CA GLN A 163 -6.07 16.40 28.16
C GLN A 163 -5.97 17.80 28.76
N GLU A 164 -5.27 18.72 28.09
CA GLU A 164 -5.16 20.10 28.59
C GLU A 164 -6.54 20.73 28.72
N LYS A 165 -7.46 20.35 27.84
CA LYS A 165 -8.77 20.96 27.76
C LYS A 165 -9.87 20.20 28.50
N GLY A 166 -9.53 19.12 29.21
CA GLY A 166 -10.55 18.35 29.91
C GLY A 166 -11.42 17.48 29.04
N GLU A 167 -10.98 17.19 27.81
CA GLU A 167 -11.77 16.42 26.86
C GLU A 167 -11.16 15.07 26.57
N GLY A 168 -10.51 14.47 27.58
CA GLY A 168 -9.80 13.22 27.34
C GLY A 168 -10.73 12.07 26.99
N GLU A 169 -11.90 12.02 27.63
CA GLU A 169 -12.83 10.93 27.35
C GLU A 169 -13.27 10.93 25.89
N GLU A 170 -13.70 12.10 25.39
CA GLU A 170 -14.10 12.20 23.99
C GLU A 170 -12.94 11.86 23.05
N ALA A 171 -11.73 12.29 23.40
CA ALA A 171 -10.59 11.98 22.54
C ALA A 171 -10.27 10.50 22.52
N ALA A 172 -10.63 9.77 23.58
CA ALA A 172 -10.35 8.34 23.68
C ALA A 172 -11.50 7.45 23.18
N LYS A 173 -12.64 8.04 22.82
CA LYS A 173 -13.85 7.26 22.54
C LYS A 173 -13.62 6.13 21.53
N TYR A 174 -12.86 6.40 20.47
CA TYR A 174 -12.68 5.46 19.38
C TYR A 174 -11.27 4.86 19.35
N ASP A 175 -10.71 4.60 20.54
CA ASP A 175 -9.35 4.06 20.64
C ASP A 175 -9.29 2.59 20.29
N GLU A 176 -10.39 1.85 20.47
CA GLU A 176 -10.35 0.41 20.24
C GLU A 176 -10.10 0.15 18.76
N PRO A 177 -9.22 -0.80 18.42
CA PRO A 177 -8.99 -1.11 16.99
C PRO A 177 -10.31 -1.48 16.32
N ARG A 178 -10.47 -1.00 15.08
CA ARG A 178 -11.74 -1.08 14.39
C ARG A 178 -11.63 -2.02 13.19
N HIS A 179 -12.67 -2.80 12.97
CA HIS A 179 -12.69 -3.73 11.84
C HIS A 179 -13.29 -2.98 10.65
N ILE A 180 -12.42 -2.54 9.73
CA ILE A 180 -12.84 -1.68 8.63
C ILE A 180 -12.50 -2.31 7.28
N CYS A 181 -12.67 -1.54 6.21
CA CYS A 181 -12.43 -1.97 4.84
C CYS A 181 -11.22 -1.22 4.30
N GLU A 182 -10.28 -1.93 3.68
CA GLU A 182 -9.23 -1.28 2.91
C GLU A 182 -9.55 -1.42 1.43
N ILE A 183 -9.59 -0.30 0.70
CA ILE A 183 -9.98 -0.25 -0.71
C ILE A 183 -8.74 -0.10 -1.57
N ASN A 184 -8.69 -0.85 -2.67
CA ASN A 184 -7.54 -0.86 -3.56
C ASN A 184 -8.02 -1.26 -4.95
N PHE A 185 -7.17 -1.03 -5.95
CA PHE A 185 -7.37 -1.57 -7.30
C PHE A 185 -8.60 -1.00 -8.02
N LEU A 186 -9.00 0.23 -7.70
CA LEU A 186 -10.01 0.90 -8.51
C LEU A 186 -9.51 1.10 -9.93
N CYS A 187 -10.29 0.68 -10.92
CA CYS A 187 -9.81 0.75 -12.28
C CYS A 187 -11.01 0.78 -13.23
N VAL A 188 -11.01 1.73 -14.16
CA VAL A 188 -12.01 1.79 -15.23
C VAL A 188 -11.27 1.66 -16.54
N HIS A 189 -11.76 0.81 -17.43
CA HIS A 189 -11.15 0.64 -18.73
C HIS A 189 -10.94 1.99 -19.42
N LYS A 190 -9.82 2.12 -20.12
CA LYS A 190 -9.50 3.37 -20.80
C LYS A 190 -10.61 3.85 -21.74
N GLN A 191 -11.33 2.93 -22.36
CA GLN A 191 -12.38 3.31 -23.30
C GLN A 191 -13.64 3.79 -22.62
N LEU A 192 -13.73 3.65 -21.30
CA LEU A 192 -14.90 4.08 -20.54
C LEU A 192 -14.59 5.25 -19.61
N ARG A 193 -13.45 5.92 -19.80
CA ARG A 193 -13.03 6.96 -18.87
C ARG A 193 -13.89 8.22 -19.02
N GLU A 194 -14.03 8.94 -17.90
CA GLU A 194 -14.73 10.23 -17.85
C GLU A 194 -16.21 10.11 -18.17
N LYS A 195 -16.78 8.95 -17.84
CA LYS A 195 -18.21 8.69 -17.99
C LYS A 195 -18.91 8.51 -16.65
N ARG A 196 -18.26 8.94 -15.56
CA ARG A 196 -18.82 8.87 -14.21
C ARG A 196 -19.05 7.43 -13.75
N LEU A 197 -18.26 6.49 -14.25
CA LEU A 197 -18.39 5.11 -13.79
C LEU A 197 -17.69 4.90 -12.44
N ALA A 198 -16.60 5.62 -12.19
CA ALA A 198 -15.92 5.47 -10.90
C ALA A 198 -16.83 5.77 -9.72
N PRO A 199 -17.64 6.85 -9.72
CA PRO A 199 -18.58 7.04 -8.61
C PRO A 199 -19.55 5.88 -8.42
N ILE A 200 -20.04 5.25 -9.50
CA ILE A 200 -20.96 4.12 -9.35
C ILE A 200 -20.25 2.95 -8.68
N LEU A 201 -19.02 2.66 -9.10
CA LEU A 201 -18.24 1.59 -8.48
C LEU A 201 -18.05 1.86 -7.00
N ILE A 202 -17.64 3.08 -6.66
CA ILE A 202 -17.45 3.45 -5.26
C ILE A 202 -18.75 3.31 -4.46
N LYS A 203 -19.86 3.77 -5.04
CA LYS A 203 -21.14 3.68 -4.36
C LYS A 203 -21.54 2.23 -4.09
N GLU A 204 -21.32 1.35 -5.07
CA GLU A 204 -21.71 -0.05 -4.88
C GLU A 204 -20.79 -0.76 -3.89
N ALA A 205 -19.48 -0.48 -3.95
CA ALA A 205 -18.58 -0.99 -2.92
C ALA A 205 -19.01 -0.52 -1.53
N THR A 206 -19.36 0.76 -1.39
CA THR A 206 -19.80 1.28 -0.10
C THR A 206 -21.04 0.52 0.38
N ARG A 207 -22.00 0.31 -0.53
CA ARG A 207 -23.21 -0.44 -0.18
C ARG A 207 -22.86 -1.84 0.34
N ARG A 208 -22.01 -2.56 -0.39
CA ARG A 208 -21.70 -3.94 0.00
C ARG A 208 -20.95 -3.99 1.33
N VAL A 209 -20.04 -3.04 1.55
CA VAL A 209 -19.34 -2.99 2.83
C VAL A 209 -20.29 -2.63 3.96
N ASN A 210 -21.15 -1.63 3.74
CA ASN A 210 -22.14 -1.24 4.74
C ASN A 210 -23.10 -2.39 5.08
N ARG A 211 -23.47 -3.20 4.07
CA ARG A 211 -24.34 -4.35 4.34
C ARG A 211 -23.67 -5.38 5.25
N THR A 212 -22.35 -5.32 5.40
CA THR A 212 -21.64 -6.18 6.32
C THR A 212 -21.38 -5.49 7.66
N ASN A 213 -22.06 -4.38 7.92
CA ASN A 213 -21.96 -3.64 9.19
C ASN A 213 -20.58 -3.00 9.36
N VAL A 214 -19.98 -2.58 8.25
CA VAL A 214 -18.69 -1.89 8.28
C VAL A 214 -18.91 -0.51 7.69
N TRP A 215 -18.36 0.52 8.36
CA TRP A 215 -18.80 1.88 8.09
C TRP A 215 -17.66 2.82 7.77
N GLN A 216 -16.40 2.40 7.96
CA GLN A 216 -15.23 3.17 7.60
C GLN A 216 -14.41 2.41 6.58
N ALA A 217 -13.64 3.15 5.79
CA ALA A 217 -12.65 2.55 4.92
C ALA A 217 -11.38 3.37 5.00
N VAL A 218 -10.27 2.73 4.67
CA VAL A 218 -8.99 3.40 4.45
C VAL A 218 -8.56 3.13 3.01
N TYR A 219 -8.00 4.14 2.34
CA TYR A 219 -7.50 3.98 0.98
C TYR A 219 -6.36 4.95 0.77
N THR A 220 -5.56 4.69 -0.26
CA THR A 220 -4.47 5.56 -0.63
C THR A 220 -4.57 5.87 -2.12
N ALA A 221 -3.95 6.99 -2.50
CA ALA A 221 -3.90 7.36 -3.92
C ALA A 221 -2.69 8.22 -4.15
N GLY A 222 -2.22 8.21 -5.40
CA GLY A 222 -1.19 9.16 -5.79
C GLY A 222 -1.75 10.54 -6.05
N VAL A 223 -3.03 10.62 -6.35
CA VAL A 223 -3.68 11.89 -6.67
C VAL A 223 -4.25 12.51 -5.40
N LEU A 224 -4.51 13.82 -5.48
CA LEU A 224 -5.06 14.58 -4.37
C LEU A 224 -6.57 14.63 -4.49
N LEU A 225 -7.25 14.07 -3.50
CA LEU A 225 -8.70 14.01 -3.38
C LEU A 225 -9.08 14.66 -2.05
N PRO A 226 -10.36 14.96 -1.81
CA PRO A 226 -10.75 15.41 -0.46
C PRO A 226 -10.83 14.22 0.48
N THR A 227 -10.07 14.24 1.58
CA THR A 227 -8.96 15.14 1.89
C THR A 227 -8.01 14.24 2.71
N PRO A 228 -6.71 14.20 2.38
CA PRO A 228 -5.84 13.22 3.04
C PRO A 228 -5.61 13.57 4.49
N TYR A 229 -5.44 12.54 5.33
CA TYR A 229 -4.96 12.77 6.68
C TYR A 229 -3.45 12.68 6.78
N ALA A 230 -2.81 12.12 5.76
CA ALA A 230 -1.35 12.08 5.72
C ALA A 230 -0.92 11.97 4.27
N SER A 231 0.30 12.46 4.00
CA SER A 231 0.89 12.34 2.67
C SER A 231 2.40 12.17 2.80
N GLY A 232 2.92 11.24 2.02
CA GLY A 232 4.35 10.93 2.07
C GLY A 232 4.93 10.88 0.67
N GLN A 233 6.17 11.34 0.56
CA GLN A 233 6.92 11.24 -0.68
C GLN A 233 7.39 9.80 -0.88
N TYR A 234 7.47 9.38 -2.14
CA TYR A 234 8.14 8.14 -2.49
C TYR A 234 9.65 8.34 -2.52
N PHE A 235 10.36 7.23 -2.23
CA PHE A 235 11.80 7.14 -2.27
C PHE A 235 12.21 5.89 -3.03
N HIS A 236 13.35 5.97 -3.69
CA HIS A 236 13.81 4.92 -4.60
C HIS A 236 15.29 4.66 -4.40
N ARG A 237 15.66 3.38 -4.37
CA ARG A 237 17.04 2.95 -4.23
C ARG A 237 17.41 2.20 -5.49
N SER A 238 18.27 2.81 -6.30
CA SER A 238 18.71 2.16 -7.54
CA SER A 238 18.72 2.16 -7.54
C SER A 238 19.46 0.87 -7.22
N LEU A 239 19.03 -0.23 -7.83
CA LEU A 239 19.75 -1.50 -7.78
C LEU A 239 20.39 -1.84 -9.12
N ASN A 240 19.80 -1.42 -10.23
CA ASN A 240 20.32 -1.67 -11.57
C ASN A 240 20.33 -0.34 -12.31
N PRO A 241 21.28 0.55 -11.98
CA PRO A 241 21.19 1.93 -12.47
C PRO A 241 21.26 2.07 -13.97
N GLU A 242 22.04 1.23 -14.65
CA GLU A 242 22.13 1.37 -16.11
C GLU A 242 20.76 1.16 -16.75
N LYS A 243 19.99 0.21 -16.24
CA LYS A 243 18.66 0.00 -16.77
C LYS A 243 17.74 1.18 -16.44
N LEU A 244 17.77 1.63 -15.17
CA LEU A 244 16.90 2.72 -14.75
C LEU A 244 17.17 3.99 -15.55
N VAL A 245 18.44 4.29 -15.84
CA VAL A 245 18.75 5.44 -16.68
C VAL A 245 18.23 5.23 -18.10
N GLU A 246 18.42 4.03 -18.64
CA GLU A 246 18.03 3.78 -20.03
C GLU A 246 16.54 3.97 -20.24
N ILE A 247 15.72 3.55 -19.27
CA ILE A 247 14.26 3.65 -19.40
C ILE A 247 13.74 4.99 -18.89
N ARG A 248 14.66 5.89 -18.53
CA ARG A 248 14.32 7.22 -18.07
C ARG A 248 13.53 7.19 -16.76
N PHE A 249 13.69 6.13 -15.96
CA PHE A 249 13.23 6.18 -14.58
C PHE A 249 14.13 7.08 -13.76
N SER A 250 15.43 6.97 -13.99
CA SER A 250 16.45 7.78 -13.32
C SER A 250 17.19 8.62 -14.35
N GLY A 251 17.72 9.74 -13.90
CA GLY A 251 18.62 10.53 -14.72
C GLY A 251 20.04 10.41 -14.22
N ILE A 252 21.00 10.80 -15.03
CA ILE A 252 22.40 10.91 -14.60
C ILE A 252 22.58 12.30 -14.02
N PRO A 253 22.82 12.43 -12.71
CA PRO A 253 22.95 13.77 -12.10
C PRO A 253 24.00 14.61 -12.82
N ALA A 254 23.78 15.93 -12.79
CA ALA A 254 24.64 16.84 -13.53
C ALA A 254 26.09 16.73 -13.08
N GLN A 255 26.31 16.49 -11.79
CA GLN A 255 27.68 16.43 -11.27
C GLN A 255 28.46 15.24 -11.84
N TYR A 256 27.78 14.24 -12.42
CA TYR A 256 28.49 13.13 -13.03
C TYR A 256 29.13 13.50 -14.35
N GLN A 257 28.70 14.61 -14.97
CA GLN A 257 29.30 15.05 -16.23
C GLN A 257 30.76 15.46 -16.06
N LYS A 258 31.20 15.72 -14.83
CA LYS A 258 32.59 16.07 -14.57
C LYS A 258 33.53 14.86 -14.64
N PHE A 259 33.01 13.68 -14.99
CA PHE A 259 33.80 12.46 -15.08
C PHE A 259 33.76 11.94 -16.52
N GLN A 260 34.79 11.18 -16.88
CA GLN A 260 34.94 10.76 -18.27
C GLN A 260 33.99 9.63 -18.66
N ASN A 261 33.58 8.80 -17.70
CA ASN A 261 32.59 7.75 -17.92
C ASN A 261 31.59 7.86 -16.78
N PRO A 262 30.54 8.66 -16.95
CA PRO A 262 29.57 8.86 -15.85
C PRO A 262 28.80 7.60 -15.49
N MET A 263 28.68 6.64 -16.40
CA MET A 263 27.85 5.47 -16.12
C MET A 263 28.59 4.43 -15.29
N ALA A 264 29.87 4.20 -15.56
CA ALA A 264 30.64 3.32 -14.71
C ALA A 264 30.74 3.88 -13.28
N MET A 265 30.81 5.21 -13.15
CA MET A 265 30.78 5.80 -11.82
C MET A 265 29.43 5.58 -11.15
N LEU A 266 28.36 5.67 -11.94
CA LEU A 266 27.02 5.44 -11.40
C LEU A 266 26.86 4.02 -10.87
N LYS A 267 27.26 3.03 -11.68
CA LYS A 267 27.20 1.64 -11.21
C LYS A 267 28.03 1.43 -9.95
N ARG A 268 29.21 2.05 -9.88
CA ARG A 268 30.05 1.90 -8.70
C ARG A 268 29.36 2.49 -7.48
N ASN A 269 28.69 3.62 -7.66
CA ASN A 269 28.05 4.26 -6.51
C ASN A 269 26.98 3.37 -5.89
N TYR A 270 26.26 2.62 -6.71
N TYR A 270 26.24 2.63 -6.70
CA TYR A 270 25.11 1.84 -6.27
CA TYR A 270 25.11 1.84 -6.21
C TYR A 270 25.44 0.40 -5.95
C TYR A 270 25.41 0.35 -6.12
N GLN A 271 26.69 -0.03 -6.16
CA GLN A 271 27.05 -1.44 -6.00
C GLN A 271 26.74 -1.91 -4.58
N LEU A 272 26.38 -3.18 -4.49
CA LEU A 272 25.96 -3.77 -3.23
C LEU A 272 26.67 -5.09 -3.03
N PRO A 273 26.85 -5.52 -1.78
CA PRO A 273 27.42 -6.84 -1.51
C PRO A 273 26.63 -7.93 -2.22
N SER A 274 27.31 -9.05 -2.50
CA SER A 274 26.65 -10.17 -3.17
C SER A 274 25.91 -11.09 -2.20
N ALA A 275 26.13 -10.94 -0.89
CA ALA A 275 25.46 -11.77 0.10
C ALA A 275 25.15 -10.94 1.33
N PRO A 276 24.10 -11.31 2.08
CA PRO A 276 23.76 -10.55 3.28
C PRO A 276 24.89 -10.50 4.28
N LYS A 277 24.89 -9.45 5.11
CA LYS A 277 25.94 -9.25 6.09
C LYS A 277 25.57 -9.70 7.49
N ASN A 278 24.28 -9.78 7.80
CA ASN A 278 23.87 -10.08 9.17
C ASN A 278 23.94 -11.58 9.41
N SER A 279 24.76 -11.98 10.35
CA SER A 279 24.80 -13.38 10.75
CA SER A 279 24.80 -13.38 10.75
C SER A 279 23.43 -13.79 11.26
N GLY A 280 22.99 -14.98 10.88
CA GLY A 280 21.70 -15.47 11.33
C GLY A 280 20.52 -15.03 10.51
N LEU A 281 20.73 -14.36 9.39
CA LEU A 281 19.63 -14.02 8.50
C LEU A 281 19.22 -15.26 7.70
N ARG A 282 17.91 -15.52 7.62
CA ARG A 282 17.37 -16.64 6.86
C ARG A 282 15.94 -16.26 6.48
N GLU A 283 15.39 -17.02 5.54
CA GLU A 283 13.99 -16.81 5.16
C GLU A 283 13.09 -17.17 6.33
N MET A 284 11.97 -16.44 6.43
CA MET A 284 10.99 -16.71 7.47
C MET A 284 10.30 -18.04 7.19
N LYS A 285 9.99 -18.76 8.26
CA LYS A 285 9.29 -20.03 8.15
C LYS A 285 8.05 -20.00 9.03
N PRO A 286 7.12 -20.94 8.83
CA PRO A 286 5.86 -20.87 9.60
C PRO A 286 6.02 -20.80 11.12
N SER A 287 6.99 -21.50 11.70
CA SER A 287 7.16 -21.47 13.15
C SER A 287 7.60 -20.11 13.66
N ASP A 288 8.04 -19.21 12.77
CA ASP A 288 8.41 -17.87 13.20
C ASP A 288 7.21 -16.97 13.43
N VAL A 289 6.02 -17.39 13.02
CA VAL A 289 4.87 -16.46 13.03
C VAL A 289 4.62 -15.81 14.39
N PRO A 290 4.58 -16.55 15.50
CA PRO A 290 4.28 -15.87 16.77
C PRO A 290 5.34 -14.87 17.17
N GLN A 291 6.62 -15.17 16.96
CA GLN A 291 7.66 -14.21 17.36
C GLN A 291 7.62 -12.97 16.48
N VAL A 292 7.44 -13.15 15.17
CA VAL A 292 7.35 -12.02 14.26
C VAL A 292 6.13 -11.16 14.59
N ARG A 293 4.99 -11.81 14.89
CA ARG A 293 3.82 -11.05 15.31
C ARG A 293 4.14 -10.19 16.53
N ARG A 294 4.80 -10.77 17.53
CA ARG A 294 5.06 -9.99 18.74
C ARG A 294 5.98 -8.80 18.47
N ILE A 295 7.10 -9.02 17.77
CA ILE A 295 8.01 -7.89 17.56
C ILE A 295 7.40 -6.84 16.64
N LEU A 296 6.65 -7.28 15.62
CA LEU A 296 6.01 -6.32 14.72
C LEU A 296 4.96 -5.51 15.45
N MET A 297 4.09 -6.18 16.22
CA MET A 297 3.04 -5.47 16.92
C MET A 297 3.61 -4.51 17.96
N ASN A 298 4.65 -4.91 18.68
CA ASN A 298 5.29 -3.99 19.63
CA ASN A 298 5.26 -3.99 19.63
C ASN A 298 5.77 -2.73 18.92
N TYR A 299 6.33 -2.90 17.72
CA TYR A 299 6.84 -1.75 16.98
C TYR A 299 5.69 -0.90 16.43
N LEU A 300 4.71 -1.53 15.81
CA LEU A 300 3.67 -0.74 15.15
C LEU A 300 2.77 -0.01 16.15
N ASP A 301 2.68 -0.52 17.38
CA ASP A 301 1.86 0.13 18.39
C ASP A 301 2.36 1.54 18.72
N SER A 302 3.59 1.89 18.34
CA SER A 302 4.11 3.22 18.61
C SER A 302 3.60 4.28 17.63
N PHE A 303 2.92 3.90 16.56
CA PHE A 303 2.46 4.84 15.54
C PHE A 303 0.99 5.15 15.76
N ASP A 304 0.58 6.34 15.32
CA ASP A 304 -0.80 6.78 15.53
C ASP A 304 -1.81 5.94 14.77
N VAL A 305 -1.52 5.63 13.51
CA VAL A 305 -2.39 4.80 12.67
C VAL A 305 -1.63 3.54 12.28
N GLY A 306 -2.21 2.37 12.57
CA GLY A 306 -1.55 1.15 12.19
C GLY A 306 -2.42 -0.07 12.31
N PRO A 307 -2.05 -1.13 11.61
CA PRO A 307 -2.85 -2.36 11.62
C PRO A 307 -2.56 -3.19 12.86
N VAL A 308 -3.54 -4.02 13.19
CA VAL A 308 -3.41 -5.05 14.21
C VAL A 308 -3.58 -6.39 13.50
N PHE A 309 -2.57 -7.26 13.62
CA PHE A 309 -2.53 -8.52 12.86
C PHE A 309 -2.63 -9.70 13.81
N SER A 310 -3.49 -10.66 13.47
CA SER A 310 -3.52 -11.95 14.12
C SER A 310 -2.37 -12.81 13.61
N ASP A 311 -2.17 -13.97 14.25
CA ASP A 311 -1.23 -14.96 13.72
C ASP A 311 -1.56 -15.30 12.27
N ALA A 312 -2.85 -15.53 11.94
CA ALA A 312 -3.20 -15.89 10.57
C ALA A 312 -2.85 -14.77 9.60
N GLU A 313 -3.02 -13.51 10.02
CA GLU A 313 -2.70 -12.41 9.13
C GLU A 313 -1.19 -12.23 8.97
N ILE A 314 -0.43 -12.44 10.06
CA ILE A 314 1.03 -12.42 9.94
C ILE A 314 1.48 -13.50 8.96
N SER A 315 0.92 -14.70 9.09
CA SER A 315 1.26 -15.78 8.18
CA SER A 315 1.25 -15.78 8.18
C SER A 315 0.92 -15.39 6.74
N HIS A 316 -0.27 -14.87 6.53
CA HIS A 316 -0.68 -14.55 5.16
C HIS A 316 0.19 -13.45 4.55
N TYR A 317 0.36 -12.35 5.28
CA TYR A 317 1.04 -11.21 4.68
C TYR A 317 2.55 -11.34 4.66
N LEU A 318 3.15 -12.18 5.52
CA LEU A 318 4.61 -12.22 5.63
C LEU A 318 5.28 -13.52 5.20
N LEU A 319 4.61 -14.66 5.23
CA LEU A 319 5.35 -15.87 4.84
C LEU A 319 5.75 -15.78 3.37
N PRO A 320 6.95 -16.20 3.01
CA PRO A 320 7.42 -16.03 1.63
C PRO A 320 6.50 -16.71 0.63
N ARG A 321 6.27 -16.01 -0.50
CA ARG A 321 5.52 -16.55 -1.64
C ARG A 321 6.31 -16.21 -2.90
N ASP A 322 6.68 -17.22 -3.67
CA ASP A 322 7.60 -16.99 -4.78
C ASP A 322 7.05 -15.94 -5.73
N GLY A 323 7.92 -14.99 -6.09
CA GLY A 323 7.58 -13.92 -7.00
C GLY A 323 6.69 -12.85 -6.42
N VAL A 324 6.28 -12.97 -5.15
CA VAL A 324 5.27 -12.05 -4.59
C VAL A 324 5.79 -11.35 -3.34
N VAL A 325 6.06 -12.10 -2.28
CA VAL A 325 6.53 -11.50 -1.03
C VAL A 325 7.71 -12.29 -0.51
N PHE A 326 8.68 -11.56 0.07
CA PHE A 326 9.98 -12.06 0.45
C PHE A 326 10.22 -11.57 1.88
N THR A 327 10.46 -12.48 2.81
CA THR A 327 10.58 -12.07 4.21
C THR A 327 11.72 -12.84 4.84
N TYR A 328 12.56 -12.12 5.57
CA TYR A 328 13.74 -12.68 6.21
C TYR A 328 13.74 -12.28 7.67
N VAL A 329 14.25 -13.18 8.50
CA VAL A 329 14.35 -12.94 9.94
C VAL A 329 15.81 -13.01 10.33
N VAL A 330 16.16 -12.28 11.38
CA VAL A 330 17.44 -12.46 12.06
C VAL A 330 17.15 -13.31 13.29
N GLU A 331 17.80 -14.47 13.36
CA GLU A 331 17.62 -15.40 14.47
C GLU A 331 18.95 -15.54 15.17
N ASN A 332 18.94 -15.30 16.48
CA ASN A 332 20.11 -15.59 17.29
C ASN A 332 19.65 -16.10 18.64
N ASP A 333 20.41 -17.05 19.19
CA ASP A 333 19.99 -17.76 20.40
C ASP A 333 18.63 -18.41 20.20
N LYS A 334 18.34 -18.83 18.96
CA LYS A 334 17.10 -19.50 18.60
C LYS A 334 15.87 -18.62 18.77
N LYS A 335 16.07 -17.30 18.82
CA LYS A 335 14.96 -16.36 18.91
C LYS A 335 15.01 -15.38 17.73
N VAL A 336 13.84 -15.04 17.20
CA VAL A 336 13.79 -14.04 16.15
C VAL A 336 13.85 -12.67 16.80
N THR A 337 14.86 -11.88 16.42
CA THR A 337 15.04 -10.56 17.01
C THR A 337 14.80 -9.44 16.02
N ASP A 338 14.88 -9.71 14.72
CA ASP A 338 14.63 -8.70 13.70
C ASP A 338 14.03 -9.39 12.49
N PHE A 339 13.38 -8.60 11.63
CA PHE A 339 12.92 -9.15 10.36
C PHE A 339 12.64 -8.01 9.39
N PHE A 340 12.66 -8.34 8.11
CA PHE A 340 12.19 -7.40 7.10
C PHE A 340 11.42 -8.16 6.04
N SER A 341 10.58 -7.43 5.31
CA SER A 341 9.85 -8.00 4.20
C SER A 341 9.82 -7.02 3.05
N PHE A 342 9.72 -7.56 1.83
CA PHE A 342 9.47 -6.74 0.66
C PHE A 342 8.59 -7.50 -0.32
N TYR A 343 7.86 -6.76 -1.15
CA TYR A 343 7.03 -7.41 -2.16
C TYR A 343 7.34 -6.87 -3.55
N ARG A 344 6.94 -7.64 -4.56
CA ARG A 344 7.28 -7.38 -5.95
C ARG A 344 6.08 -6.80 -6.67
N ILE A 345 6.28 -5.66 -7.33
CA ILE A 345 5.31 -5.15 -8.31
C ILE A 345 6.11 -4.72 -9.52
N PRO A 346 6.08 -5.47 -10.61
CA PRO A 346 6.71 -4.98 -11.83
C PRO A 346 5.82 -3.95 -12.49
N SER A 347 6.45 -3.08 -13.29
CA SER A 347 5.72 -2.11 -14.09
C SER A 347 6.08 -2.33 -15.55
N THR A 348 5.07 -2.27 -16.42
CA THR A 348 5.32 -2.33 -17.85
C THR A 348 6.06 -1.06 -18.27
N VAL A 349 7.13 -1.23 -19.05
CA VAL A 349 7.85 -0.11 -19.62
C VAL A 349 7.22 0.15 -20.98
N ILE A 350 6.38 1.19 -21.05
CA ILE A 350 5.45 1.37 -22.17
C ILE A 350 6.17 1.81 -23.43
N GLY A 351 7.17 2.68 -23.30
CA GLY A 351 7.71 3.39 -24.44
C GLY A 351 9.04 2.90 -24.96
N ASN A 352 9.78 2.18 -24.12
CA ASN A 352 11.11 1.68 -24.46
C ASN A 352 10.96 0.25 -24.96
N SER A 353 11.43 0.00 -26.18
CA SER A 353 11.27 -1.32 -26.77
C SER A 353 12.34 -2.32 -26.31
N ASN A 354 13.37 -1.87 -25.60
CA ASN A 354 14.45 -2.75 -25.17
C ASN A 354 14.16 -3.50 -23.88
N TYR A 355 13.17 -3.07 -23.12
CA TYR A 355 12.83 -3.74 -21.87
C TYR A 355 11.32 -3.85 -21.76
N ASN A 356 10.84 -5.00 -21.31
CA ASN A 356 9.40 -5.17 -21.12
C ASN A 356 8.94 -4.63 -19.78
N LEU A 357 9.75 -4.85 -18.74
CA LEU A 357 9.32 -4.66 -17.36
C LEU A 357 10.41 -3.96 -16.57
N LEU A 358 9.97 -3.19 -15.59
CA LEU A 358 10.80 -2.67 -14.50
C LEU A 358 10.45 -3.46 -13.25
N ASN A 359 11.43 -4.16 -12.68
CA ASN A 359 11.17 -5.11 -11.58
C ASN A 359 11.43 -4.36 -10.28
N ALA A 360 10.37 -3.93 -9.60
CA ALA A 360 10.49 -3.12 -8.38
C ALA A 360 10.18 -3.94 -7.12
N ALA A 361 11.04 -3.78 -6.11
CA ALA A 361 10.83 -4.33 -4.78
C ALA A 361 10.33 -3.19 -3.89
N TYR A 362 9.28 -3.45 -3.11
CA TYR A 362 8.69 -2.42 -2.26
C TYR A 362 8.91 -2.82 -0.80
N VAL A 363 9.42 -1.88 0.00
CA VAL A 363 9.63 -2.16 1.42
C VAL A 363 8.28 -2.41 2.07
N HIS A 364 8.15 -3.53 2.77
CA HIS A 364 6.92 -3.92 3.44
C HIS A 364 7.08 -3.67 4.94
N TYR A 365 6.60 -4.56 5.79
CA TYR A 365 6.82 -4.41 7.23
C TYR A 365 8.23 -4.87 7.62
N TYR A 366 8.67 -4.38 8.78
CA TYR A 366 9.95 -4.80 9.34
C TYR A 366 9.93 -4.48 10.83
N ALA A 367 10.92 -5.01 11.55
CA ALA A 367 11.13 -4.59 12.92
C ALA A 367 12.57 -4.91 13.26
N ALA A 368 13.25 -3.97 13.93
CA ALA A 368 14.62 -4.17 14.39
C ALA A 368 14.69 -4.00 15.90
N THR A 369 15.22 -5.01 16.60
CA THR A 369 15.50 -4.88 18.02
C THR A 369 16.96 -5.11 18.39
N SER A 370 17.77 -5.67 17.50
CA SER A 370 19.16 -5.98 17.82
C SER A 370 20.19 -5.22 17.01
N ILE A 371 19.80 -4.60 15.90
CA ILE A 371 20.73 -3.89 15.03
C ILE A 371 20.08 -2.59 14.56
N PRO A 372 20.89 -1.61 14.17
CA PRO A 372 20.32 -0.38 13.61
C PRO A 372 19.51 -0.70 12.36
N LEU A 373 18.46 0.08 12.16
CA LEU A 373 17.55 -0.19 11.04
C LEU A 373 18.28 -0.15 9.70
N HIS A 374 19.23 0.78 9.53
CA HIS A 374 19.96 0.83 8.26
C HIS A 374 20.75 -0.45 8.02
N GLN A 375 21.21 -1.12 9.08
CA GLN A 375 21.92 -2.38 8.90
C GLN A 375 20.97 -3.49 8.48
N LEU A 376 19.73 -3.47 9.00
CA LEU A 376 18.73 -4.46 8.62
C LEU A 376 18.29 -4.27 7.17
N ILE A 377 18.06 -3.01 6.78
CA ILE A 377 17.54 -2.73 5.45
C ILE A 377 18.62 -2.86 4.39
N LEU A 378 19.90 -2.71 4.76
CA LEU A 378 20.95 -3.04 3.81
C LEU A 378 20.81 -4.49 3.34
N ASP A 379 20.50 -5.40 4.27
CA ASP A 379 20.31 -6.79 3.85
C ASP A 379 19.12 -6.93 2.91
N LEU A 380 18.06 -6.14 3.13
CA LEU A 380 16.93 -6.13 2.20
C LEU A 380 17.39 -5.73 0.80
N LEU A 381 18.19 -4.66 0.69
CA LEU A 381 18.66 -4.24 -0.62
C LEU A 381 19.55 -5.32 -1.25
N ILE A 382 20.39 -5.96 -0.44
CA ILE A 382 21.27 -7.00 -0.98
C ILE A 382 20.44 -8.14 -1.55
N VAL A 383 19.46 -8.63 -0.76
CA VAL A 383 18.63 -9.75 -1.22
C VAL A 383 17.87 -9.35 -2.48
N ALA A 384 17.30 -8.15 -2.49
CA ALA A 384 16.55 -7.70 -3.67
C ALA A 384 17.45 -7.60 -4.89
N HIS A 385 18.63 -7.02 -4.73
CA HIS A 385 19.57 -6.97 -5.85
C HIS A 385 19.94 -8.37 -6.33
N SER A 386 20.24 -9.28 -5.39
CA SER A 386 20.64 -10.63 -5.75
CA SER A 386 20.64 -10.63 -5.76
C SER A 386 19.54 -11.35 -6.52
N ARG A 387 18.29 -11.04 -6.22
CA ARG A 387 17.16 -11.70 -6.86
C ARG A 387 16.75 -11.03 -8.17
N GLY A 388 17.50 -10.03 -8.64
CA GLY A 388 17.23 -9.44 -9.93
C GLY A 388 16.31 -8.25 -9.95
N PHE A 389 16.05 -7.62 -8.80
CA PHE A 389 15.21 -6.43 -8.80
C PHE A 389 16.03 -5.22 -9.28
N ASP A 390 15.33 -4.28 -9.93
CA ASP A 390 15.99 -3.13 -10.51
C ASP A 390 16.02 -1.92 -9.58
N VAL A 391 15.05 -1.82 -8.68
CA VAL A 391 14.91 -0.66 -7.80
C VAL A 391 14.16 -1.13 -6.57
N CYS A 392 14.40 -0.43 -5.46
CA CYS A 392 13.65 -0.63 -4.23
C CYS A 392 12.88 0.66 -3.96
N ASN A 393 11.56 0.54 -3.81
CA ASN A 393 10.68 1.68 -3.56
C ASN A 393 10.09 1.62 -2.16
N MET A 394 9.76 2.80 -1.64
CA MET A 394 9.02 2.90 -0.38
C MET A 394 8.44 4.30 -0.28
N VAL A 395 7.48 4.46 0.61
CA VAL A 395 6.98 5.76 1.01
C VAL A 395 7.56 6.07 2.38
N GLU A 396 7.68 7.37 2.72
CA GLU A 396 8.30 7.75 3.99
C GLU A 396 7.41 7.51 5.21
N ILE A 397 6.71 6.38 5.29
CA ILE A 397 5.97 6.00 6.49
C ILE A 397 6.89 5.23 7.42
N LEU A 398 6.34 4.71 8.53
CA LEU A 398 7.12 3.95 9.51
C LEU A 398 8.38 4.75 9.87
N ASP A 399 9.53 4.10 9.99
CA ASP A 399 10.81 4.79 10.21
C ASP A 399 11.66 4.80 8.95
N ASN A 400 10.99 4.81 7.79
CA ASN A 400 11.70 4.70 6.52
C ASN A 400 12.66 5.86 6.29
N ARG A 401 12.35 7.04 6.81
CA ARG A 401 13.28 8.17 6.62
C ARG A 401 14.62 7.92 7.32
N SER A 402 14.64 7.07 8.34
CA SER A 402 15.86 6.93 9.11
C SER A 402 17.00 6.24 8.36
N PHE A 403 16.72 5.59 7.22
CA PHE A 403 17.78 4.91 6.47
C PHE A 403 17.94 5.44 5.05
N VAL A 404 17.21 6.51 4.69
CA VAL A 404 17.25 7.05 3.34
C VAL A 404 18.67 7.46 2.95
N GLU A 405 19.32 8.27 3.78
CA GLU A 405 20.62 8.81 3.38
C GLU A 405 21.70 7.73 3.41
N GLN A 406 21.70 6.91 4.46
CA GLN A 406 22.77 5.92 4.59
C GLN A 406 22.72 4.88 3.47
N LEU A 407 21.52 4.55 2.99
CA LEU A 407 21.37 3.49 2.01
C LEU A 407 21.16 4.04 0.60
N LYS A 408 21.34 5.35 0.42
CA LYS A 408 21.35 5.96 -0.91
C LYS A 408 19.98 5.89 -1.60
N PHE A 409 18.92 6.07 -0.83
CA PHE A 409 17.60 6.29 -1.43
C PHE A 409 17.52 7.74 -1.89
N GLY A 410 16.84 7.96 -3.00
CA GLY A 410 16.58 9.32 -3.49
C GLY A 410 15.08 9.55 -3.50
N ALA A 411 14.68 10.78 -3.14
CA ALA A 411 13.28 11.16 -3.23
C ALA A 411 12.82 11.17 -4.67
N GLY A 412 11.57 10.73 -4.90
CA GLY A 412 10.99 10.70 -6.22
C GLY A 412 9.96 11.80 -6.45
N ASP A 413 9.36 11.74 -7.64
CA ASP A 413 8.29 12.66 -8.03
C ASP A 413 6.98 12.33 -7.32
N GLY A 414 6.78 11.08 -6.94
CA GLY A 414 5.46 10.67 -6.49
C GLY A 414 5.22 10.90 -5.01
N HIS A 415 3.93 10.93 -4.66
CA HIS A 415 3.52 10.94 -3.28
C HIS A 415 2.44 9.89 -3.12
N LEU A 416 2.31 9.38 -1.90
CA LEU A 416 1.19 8.54 -1.56
C LEU A 416 0.38 9.27 -0.50
N ARG A 417 -0.90 9.52 -0.79
CA ARG A 417 -1.79 10.23 0.12
C ARG A 417 -2.69 9.19 0.78
N TYR A 418 -2.92 9.33 2.09
CA TYR A 418 -3.71 8.39 2.86
C TYR A 418 -5.04 9.02 3.20
N TYR A 419 -6.12 8.25 3.06
CA TYR A 419 -7.46 8.78 3.24
C TYR A 419 -8.29 7.82 4.07
N PHE A 420 -9.25 8.38 4.80
CA PHE A 420 -10.35 7.61 5.39
C PHE A 420 -11.67 8.01 4.75
N TYR A 421 -12.56 7.03 4.66
CA TYR A 421 -13.95 7.27 4.28
C TYR A 421 -14.76 7.20 5.57
N ASN A 422 -15.57 8.24 5.83
CA ASN A 422 -16.43 8.30 7.01
C ASN A 422 -15.65 8.30 8.33
N TRP A 423 -14.55 9.05 8.37
CA TRP A 423 -13.78 9.12 9.61
C TRP A 423 -13.07 10.47 9.63
N ALA A 424 -13.50 11.34 10.53
CA ALA A 424 -12.75 12.56 10.76
C ALA A 424 -11.46 12.21 11.47
N TYR A 425 -10.36 12.81 11.01
CA TYR A 425 -9.09 12.48 11.61
C TYR A 425 -8.16 13.69 11.45
N PRO A 426 -7.42 14.06 12.49
CA PRO A 426 -6.51 15.20 12.36
C PRO A 426 -5.36 14.86 11.42
N LYS A 427 -4.77 15.89 10.82
CA LYS A 427 -3.59 15.68 10.00
C LYS A 427 -2.47 15.09 10.85
N ILE A 428 -1.78 14.10 10.30
CA ILE A 428 -0.58 13.56 10.94
C ILE A 428 0.56 13.49 9.95
N LYS A 429 1.78 13.45 10.48
CA LYS A 429 2.95 13.25 9.66
C LYS A 429 2.98 11.82 9.13
N PRO A 430 3.58 11.59 7.96
CA PRO A 430 3.63 10.21 7.43
C PRO A 430 4.45 9.28 8.32
N SER A 431 5.34 9.81 9.14
CA SER A 431 6.08 8.98 10.07
C SER A 431 5.25 8.56 11.28
N GLN A 432 3.98 8.96 11.35
CA GLN A 432 3.04 8.41 12.33
C GLN A 432 2.09 7.39 11.71
N VAL A 433 2.32 7.00 10.46
CA VAL A 433 1.52 6.01 9.74
C VAL A 433 2.29 4.70 9.68
N ALA A 434 1.64 3.60 10.10
CA ALA A 434 2.26 2.28 10.06
C ALA A 434 1.54 1.29 9.16
N LEU A 435 0.63 1.75 8.30
CA LEU A 435 -0.13 0.89 7.41
C LEU A 435 0.53 0.93 6.04
N VAL A 436 1.04 -0.22 5.58
CA VAL A 436 1.55 -0.37 4.22
C VAL A 436 0.40 -0.76 3.32
N MET A 437 0.24 -0.07 2.19
CA MET A 437 -0.81 -0.40 1.23
C MET A 437 -0.19 -0.98 -0.02
N LEU A 438 -0.68 -2.15 -0.44
CA LEU A 438 -0.09 -2.88 -1.56
C LEU A 438 -0.45 -2.28 -2.92
S1 MYA B . -6.05 4.77 -6.24
C2 MYA B . -5.72 4.03 -7.90
C3 MYA B . -6.85 4.57 -8.86
N4 MYA B . -6.75 3.89 -10.16
C5 MYA B . -6.11 4.44 -11.19
O5 MYA B . -5.58 5.57 -11.15
C6 MYA B . -6.10 3.56 -12.45
C7 MYA B . -6.18 4.39 -13.77
N8 MYA B . -7.32 5.34 -13.71
C9 MYA B . -8.61 4.89 -13.77
O9 MYA B . -8.88 3.70 -13.85
C10 MYA B . -9.60 5.99 -13.66
O10 MYA B . -9.12 7.21 -14.20
C11 MYA B . -10.33 6.14 -12.34
C12 MYA B . -11.32 7.31 -12.37
C13 MYA B . -9.22 6.45 -11.29
C14 MYA B . -11.06 4.83 -11.95
N1A MYA B . -10.05 7.72 -6.25
O1A MYA B . -15.66 10.15 -14.77
P1A MYA B . -15.08 9.13 -13.72
C1X MYA B . -12.98 10.84 -8.98
C2A MYA B . -11.25 8.20 -5.96
O2A MYA B . -15.55 7.76 -13.77
P2A MYA B . -12.50 8.16 -14.59
C2M MYA B . -7.13 3.53 -5.52
O2M MYA B . -7.31 2.48 -6.16
C2X MYA B . -12.90 12.28 -9.52
O2X MYA B . -12.47 13.15 -8.47
N3A MYA B . -11.94 9.03 -6.79
O3A MYA B . -13.38 9.31 -13.88
C3M MYA B . -7.90 3.91 -4.29
C3X MYA B . -14.37 12.51 -9.86
O3X MYA B . -15.17 12.87 -8.78
P3X MYA B . -15.59 14.39 -8.48
C4A MYA B . -11.30 9.35 -7.92
O4A MYA B . -11.18 8.86 -14.86
C4M MYA B . -9.41 4.14 -4.75
C4X MYA B . -14.83 11.14 -10.33
O4X MYA B . -13.82 10.22 -9.87
C5A MYA B . -10.04 8.90 -8.25
O5A MYA B . -13.13 7.44 -15.67
C5M MYA B . -10.17 4.76 -3.61
C5X MYA B . -14.69 10.94 -11.86
O5X MYA B . -15.21 9.72 -12.32
C6A MYA B . -9.35 8.04 -7.34
N6A MYA B . -8.09 7.56 -7.64
O6A MYA B . -12.26 7.05 -13.42
C6M MYA B . -11.67 4.94 -4.03
N7A MYA B . -9.69 9.44 -9.48
O7A MYA B . -14.31 15.09 -8.49
C7M MYA B . -12.54 5.61 -2.93
C8A MYA B . -10.72 10.19 -9.87
O8A MYA B . -16.48 14.77 -9.68
C8M MYA B . -12.90 4.56 -1.87
N9A MYA B . -11.70 10.16 -8.93
O9A MYA B . -16.33 14.42 -7.17
C9M MYA B . -13.90 5.16 -0.87
CAM MYA B . -14.38 4.12 0.23
CBM MYA B . -15.35 3.13 -0.41
CCM MYA B . -15.83 2.05 0.67
CDM MYA B . -16.48 2.69 1.91
CEM MYA B . -16.85 1.54 2.92
CFM MYA B . -17.41 2.12 4.21
C10 BXN C . 7.56 6.41 -11.92
C15 BXN C . 5.20 7.21 -8.68
C17 BXN C . 3.98 7.58 -8.12
C20 BXN C . 1.01 6.10 -6.12
C21 BXN C . 0.29 5.28 -7.25
C24 BXN C . -2.55 3.08 -6.02
C26 BXN C . -1.91 2.45 -3.75
C28 BXN C . 0.18 1.32 -4.32
C01 BXN C . 7.86 2.52 -11.96
C02 BXN C . 6.45 3.11 -11.90
C05 BXN C . 2.88 2.87 -12.40
C06 BXN C . 4.67 4.49 -11.60
C07 BXN C . 3.68 5.64 -11.28
C08 BXN C . 6.06 4.40 -11.47
C14 BXN C . 5.70 5.92 -8.47
C18 BXN C . 3.25 6.69 -7.34
C19 BXN C . 1.90 7.21 -6.75
C23 BXN C . -1.83 4.39 -6.35
C27 BXN C . -0.64 1.70 -3.18
C29 BXN C . -0.39 1.97 -5.52
C30 BXN C . 0.34 3.33 -5.73
C31 BXN C . 3.72 5.41 -7.12
C32 BXN C . 4.94 5.03 -7.68
N03 BXN C . 5.33 2.44 -12.27
N04 BXN C . 4.24 3.26 -12.09
N09 BXN C . 6.97 5.45 -10.98
N22 BXN C . -0.43 4.15 -6.64
N25 BXN C . -1.82 2.12 -5.22
O12 BXN C . 7.87 4.19 -8.77
O13 BXN C . 8.38 6.47 -8.97
S11 BXN C . 7.32 5.48 -9.26
CL1 BXN C . 6.05 8.44 -9.68
CL2 BXN C . 5.46 3.36 -7.32
#